data_8GPS
#
_entry.id   8GPS
#
_cell.length_a   57.503
_cell.length_b   57.503
_cell.length_c   118.252
_cell.angle_alpha   90.00
_cell.angle_beta   90.00
_cell.angle_gamma   120.00
#
_symmetry.space_group_name_H-M   'P 32 2 1'
#
loop_
_entity.id
_entity.type
_entity.pdbx_description
1 polymer MgtE
2 non-polymer 'MAGNESIUM ION'
3 water water
#
_entity_poly.entity_id   1
_entity_poly.type   'polypeptide(L)'
_entity_poly.pdbx_seq_one_letter_code
;MMNSKDELIFNPADIAETLSELHADERLLAFLKVPKEYKAEVFSHLDPDFQEETIRSIGSDEVSEILNAMTPDDRTALFE
DFPDELIKYSINHLNPQERRIALKLLGYDSDSIARLMTPYYIQIRKEWTIKRCLQQIKKVGSKVETMNYLYVVDERNRLI
DDIALGSLLLAEEDTLVSEITDNHFVAITTTTSKEDAVQYFEKYDRAALPIVTESGVLVGIVTIDDILDQIEQQNTEDIQ
KFGG
;
_entity_poly.pdbx_strand_id   A
#
# COMPACT_ATOMS: atom_id res chain seq x y z
N PHE A 10 -6.72 21.96 2.43
CA PHE A 10 -7.25 21.36 1.21
C PHE A 10 -6.94 19.87 1.12
N ASN A 11 -7.68 19.18 0.26
CA ASN A 11 -7.47 17.75 0.04
CA ASN A 11 -7.46 17.75 0.07
C ASN A 11 -6.11 17.51 -0.62
N PRO A 12 -5.37 16.47 -0.20
CA PRO A 12 -4.05 16.24 -0.83
C PRO A 12 -4.09 16.10 -2.35
N ALA A 13 -5.12 15.43 -2.90
CA ALA A 13 -5.20 15.33 -4.35
C ALA A 13 -5.42 16.69 -4.99
N ASP A 14 -6.16 17.56 -4.32
CA ASP A 14 -6.37 18.90 -4.86
C ASP A 14 -5.10 19.76 -4.79
N ILE A 15 -4.38 19.67 -3.66
CA ILE A 15 -3.10 20.36 -3.54
C ILE A 15 -2.15 19.90 -4.64
N ALA A 16 -2.07 18.58 -4.84
CA ALA A 16 -1.21 18.05 -5.89
C ALA A 16 -1.62 18.56 -7.27
N GLU A 17 -2.92 18.66 -7.55
CA GLU A 17 -3.35 19.16 -8.85
C GLU A 17 -2.90 20.61 -9.06
N THR A 18 -3.10 21.45 -8.04
CA THR A 18 -2.66 22.84 -8.12
C THR A 18 -1.15 22.91 -8.36
N LEU A 19 -0.37 22.12 -7.62
CA LEU A 19 1.08 22.12 -7.83
C LEU A 19 1.43 21.68 -9.23
N SER A 20 0.75 20.64 -9.74
CA SER A 20 1.07 20.11 -11.05
CA SER A 20 1.05 20.10 -11.05
C SER A 20 0.82 21.12 -12.15
N GLU A 21 -0.04 22.11 -11.89
CA GLU A 21 -0.27 23.16 -12.89
C GLU A 21 0.87 24.16 -12.97
N LEU A 22 1.73 24.24 -11.96
CA LEU A 22 2.85 25.18 -11.97
C LEU A 22 3.98 24.69 -12.85
N HIS A 23 4.72 25.64 -13.43
CA HIS A 23 5.96 25.25 -14.08
C HIS A 23 6.89 24.64 -13.04
N ALA A 24 7.70 23.65 -13.49
CA ALA A 24 8.42 22.79 -12.55
C ALA A 24 9.26 23.58 -11.55
N ASP A 25 9.89 24.66 -12.03
CA ASP A 25 10.83 25.42 -11.22
C ASP A 25 10.17 25.96 -9.96
N GLU A 26 9.03 26.65 -10.09
CA GLU A 26 8.32 27.12 -8.91
C GLU A 26 7.52 26.01 -8.24
N ARG A 27 7.29 24.89 -8.94
CA ARG A 27 6.57 23.79 -8.34
C ARG A 27 7.34 23.22 -7.16
N LEU A 28 8.68 23.12 -7.29
CA LEU A 28 9.43 22.58 -6.15
C LEU A 28 9.32 23.48 -4.91
N LEU A 29 9.44 24.81 -5.08
CA LEU A 29 9.33 25.71 -3.93
C LEU A 29 7.97 25.60 -3.27
N ALA A 30 6.91 25.60 -4.09
CA ALA A 30 5.57 25.49 -3.53
C ALA A 30 5.37 24.16 -2.81
N PHE A 31 5.92 23.08 -3.37
CA PHE A 31 5.79 21.78 -2.72
C PHE A 31 6.48 21.79 -1.36
N LEU A 32 7.71 22.33 -1.30
CA LEU A 32 8.42 22.37 -0.04
C LEU A 32 7.69 23.26 0.98
N LYS A 33 6.81 24.14 0.52
CA LYS A 33 5.93 24.84 1.46
C LYS A 33 4.80 23.97 2.02
N VAL A 34 4.55 22.79 1.46
CA VAL A 34 3.45 21.94 1.95
C VAL A 34 3.74 21.53 3.38
N PRO A 35 2.76 21.56 4.30
CA PRO A 35 3.01 21.08 5.65
C PRO A 35 3.38 19.60 5.66
N LYS A 36 4.30 19.24 6.56
CA LYS A 36 4.97 17.95 6.50
C LYS A 36 4.03 16.78 6.76
N GLU A 37 2.88 17.00 7.39
CA GLU A 37 2.01 15.87 7.74
C GLU A 37 1.44 15.20 6.50
N TYR A 38 1.06 15.97 5.47
CA TYR A 38 0.57 15.38 4.23
CA TYR A 38 0.54 15.43 4.21
C TYR A 38 1.48 15.68 3.04
N LYS A 39 2.75 16.02 3.30
CA LYS A 39 3.70 16.25 2.21
C LYS A 39 3.92 14.98 1.38
N ALA A 40 4.10 13.84 2.04
CA ALA A 40 4.31 12.59 1.31
C ALA A 40 3.09 12.21 0.48
N GLU A 41 1.90 12.39 1.05
CA GLU A 41 0.68 12.06 0.32
C GLU A 41 0.51 12.97 -0.90
N VAL A 42 0.79 14.27 -0.75
CA VAL A 42 0.76 15.16 -1.90
C VAL A 42 1.77 14.70 -2.94
N PHE A 43 2.99 14.38 -2.49
CA PHE A 43 4.05 13.91 -3.38
C PHE A 43 3.61 12.71 -4.20
N SER A 44 2.87 11.79 -3.58
CA SER A 44 2.46 10.56 -4.26
CA SER A 44 2.48 10.57 -4.28
C SER A 44 1.57 10.82 -5.47
N HIS A 45 0.96 12.01 -5.57
CA HIS A 45 0.07 12.34 -6.68
C HIS A 45 0.76 13.07 -7.82
N LEU A 46 2.04 13.42 -7.67
CA LEU A 46 2.74 14.21 -8.68
C LEU A 46 3.36 13.33 -9.77
N ASP A 47 3.70 13.98 -10.89
CA ASP A 47 4.21 13.27 -12.04
C ASP A 47 5.55 12.59 -11.72
N PRO A 48 5.83 11.41 -12.27
CA PRO A 48 7.10 10.73 -11.95
C PRO A 48 8.35 11.52 -12.28
N ASP A 49 8.37 12.28 -13.38
CA ASP A 49 9.56 13.05 -13.72
CA ASP A 49 9.57 13.04 -13.71
C ASP A 49 9.84 14.11 -12.67
N PHE A 50 8.80 14.80 -12.19
CA PHE A 50 9.00 15.78 -11.14
C PHE A 50 9.36 15.11 -9.82
N GLN A 51 8.77 13.95 -9.52
CA GLN A 51 9.16 13.22 -8.32
C GLN A 51 10.65 12.90 -8.33
N GLU A 52 11.16 12.49 -9.50
CA GLU A 52 12.59 12.20 -9.61
C GLU A 52 13.43 13.46 -9.43
N GLU A 53 13.03 14.56 -10.07
CA GLU A 53 13.77 15.81 -9.90
C GLU A 53 13.83 16.21 -8.42
N THR A 54 12.70 16.06 -7.72
CA THR A 54 12.66 16.42 -6.30
C THR A 54 13.58 15.55 -5.47
N ILE A 55 13.56 14.22 -5.70
CA ILE A 55 14.44 13.33 -4.95
CA ILE A 55 14.43 13.34 -4.95
C ILE A 55 15.91 13.66 -5.22
N ARG A 56 16.23 13.99 -6.47
CA ARG A 56 17.62 14.36 -6.77
C ARG A 56 18.02 15.69 -6.14
N SER A 57 17.09 16.61 -5.96
CA SER A 57 17.45 17.99 -5.59
C SER A 57 17.48 18.25 -4.09
N ILE A 58 16.52 17.74 -3.32
CA ILE A 58 16.36 18.15 -1.92
C ILE A 58 17.44 17.56 -1.03
N GLY A 59 17.54 18.07 0.20
CA GLY A 59 18.54 17.58 1.13
C GLY A 59 18.23 16.18 1.63
N SER A 60 19.26 15.55 2.22
CA SER A 60 19.13 14.16 2.66
CA SER A 60 19.13 14.16 2.66
C SER A 60 18.03 13.99 3.69
N ASP A 61 17.95 14.91 4.66
CA ASP A 61 16.91 14.78 5.68
C ASP A 61 15.52 14.86 5.06
N GLU A 62 15.35 15.75 4.08
CA GLU A 62 14.05 15.87 3.39
C GLU A 62 13.76 14.65 2.54
N VAL A 63 14.77 14.13 1.85
CA VAL A 63 14.60 12.88 1.11
C VAL A 63 14.09 11.78 2.03
N SER A 64 14.73 11.64 3.20
CA SER A 64 14.32 10.60 4.14
C SER A 64 12.90 10.83 4.63
N GLU A 65 12.54 12.07 4.98
CA GLU A 65 11.19 12.33 5.45
C GLU A 65 10.15 11.92 4.41
N ILE A 66 10.35 12.34 3.16
CA ILE A 66 9.38 12.02 2.12
C ILE A 66 9.36 10.51 1.85
N LEU A 67 10.52 9.92 1.60
CA LEU A 67 10.54 8.52 1.18
C LEU A 67 10.07 7.59 2.30
N ASN A 68 10.45 7.87 3.54
CA ASN A 68 10.01 7.01 4.65
C ASN A 68 8.51 7.15 4.89
N ALA A 69 7.93 8.32 4.56
CA ALA A 69 6.51 8.50 4.77
C ALA A 69 5.63 8.03 3.61
N MET A 70 6.20 7.76 2.43
CA MET A 70 5.35 7.24 1.37
C MET A 70 4.85 5.84 1.68
N THR A 71 3.72 5.48 1.10
CA THR A 71 3.27 4.11 1.20
C THR A 71 4.23 3.17 0.45
N PRO A 72 4.38 1.93 0.91
CA PRO A 72 5.33 1.01 0.26
C PRO A 72 5.08 0.82 -1.22
N ASP A 73 3.81 0.75 -1.61
CA ASP A 73 3.46 0.53 -3.02
C ASP A 73 3.66 1.78 -3.88
N ASP A 74 3.38 2.98 -3.34
CA ASP A 74 3.73 4.19 -4.07
C ASP A 74 5.24 4.29 -4.26
N ARG A 75 6.01 3.91 -3.24
CA ARG A 75 7.46 3.93 -3.36
C ARG A 75 7.94 2.94 -4.42
N THR A 76 7.35 1.74 -4.46
CA THR A 76 7.75 0.76 -5.49
C THR A 76 7.46 1.31 -6.88
N ALA A 77 6.28 1.94 -7.04
CA ALA A 77 5.93 2.54 -8.34
C ALA A 77 6.93 3.63 -8.72
N LEU A 78 7.34 4.44 -7.74
CA LEU A 78 8.34 5.47 -8.00
C LEU A 78 9.66 4.84 -8.43
N PHE A 79 10.11 3.81 -7.70
CA PHE A 79 11.41 3.20 -7.97
C PHE A 79 11.43 2.52 -9.32
N GLU A 80 10.29 2.01 -9.79
CA GLU A 80 10.25 1.36 -11.08
C GLU A 80 10.61 2.29 -12.24
N ASP A 81 10.48 3.60 -12.06
CA ASP A 81 10.78 4.56 -13.11
C ASP A 81 12.16 5.20 -12.97
N PHE A 82 12.90 4.89 -11.89
CA PHE A 82 14.18 5.49 -11.56
C PHE A 82 15.33 4.73 -12.23
N PRO A 83 16.44 5.41 -12.51
CA PRO A 83 17.67 4.70 -12.81
C PRO A 83 18.16 3.96 -11.57
N ASP A 84 18.91 2.88 -11.80
CA ASP A 84 19.34 2.06 -10.68
C ASP A 84 20.09 2.85 -9.63
N GLU A 85 20.98 3.77 -10.06
CA GLU A 85 21.75 4.56 -9.10
C GLU A 85 20.86 5.37 -8.16
N LEU A 86 19.81 5.99 -8.71
CA LEU A 86 18.87 6.71 -7.85
C LEU A 86 18.07 5.77 -6.96
N ILE A 87 17.74 4.58 -7.43
CA ILE A 87 17.11 3.61 -6.55
C ILE A 87 17.99 3.33 -5.34
N LYS A 88 19.30 3.11 -5.57
CA LYS A 88 20.21 2.86 -4.46
C LYS A 88 20.32 4.06 -3.52
N TYR A 89 20.43 5.27 -4.09
CA TYR A 89 20.46 6.49 -3.28
C TYR A 89 19.21 6.56 -2.39
N SER A 90 18.05 6.32 -3.00
CA SER A 90 16.80 6.41 -2.27
C SER A 90 16.72 5.37 -1.17
N ILE A 91 17.11 4.14 -1.48
CA ILE A 91 17.08 3.07 -0.48
C ILE A 91 18.03 3.38 0.66
N ASN A 92 19.19 3.96 0.36
CA ASN A 92 20.11 4.38 1.41
C ASN A 92 19.52 5.50 2.26
N HIS A 93 18.49 6.19 1.77
CA HIS A 93 17.83 7.16 2.66
C HIS A 93 16.67 6.57 3.47
N LEU A 94 16.31 5.31 3.27
CA LEU A 94 15.20 4.72 4.00
C LEU A 94 15.63 4.23 5.38
N ASN A 95 14.70 4.31 6.34
CA ASN A 95 14.92 3.74 7.65
CA ASN A 95 14.92 3.74 7.65
C ASN A 95 14.90 2.22 7.57
N PRO A 96 15.46 1.52 8.58
CA PRO A 96 15.57 0.05 8.48
C PRO A 96 14.31 -0.70 8.06
N GLN A 97 13.16 -0.39 8.67
CA GLN A 97 11.95 -1.16 8.37
C GLN A 97 11.48 -0.88 6.95
N GLU A 98 11.44 0.39 6.57
CA GLU A 98 11.07 0.75 5.21
C GLU A 98 12.05 0.21 4.19
N ARG A 99 13.34 0.15 4.52
CA ARG A 99 14.34 -0.38 3.60
C ARG A 99 14.10 -1.87 3.35
N ARG A 100 13.85 -2.62 4.42
CA ARG A 100 13.59 -4.05 4.25
C ARG A 100 12.32 -4.28 3.44
N ILE A 101 11.27 -3.50 3.71
CA ILE A 101 10.03 -3.60 2.93
C ILE A 101 10.29 -3.29 1.45
N ALA A 102 11.00 -2.19 1.19
CA ALA A 102 11.20 -1.75 -0.19
C ALA A 102 11.98 -2.79 -0.99
N LEU A 103 13.03 -3.36 -0.38
CA LEU A 103 13.84 -4.35 -1.08
C LEU A 103 13.06 -5.65 -1.31
N LYS A 104 12.23 -6.05 -0.33
CA LYS A 104 11.37 -7.21 -0.52
CA LYS A 104 11.38 -7.21 -0.53
C LYS A 104 10.43 -7.01 -1.71
N LEU A 105 9.79 -5.84 -1.78
CA LEU A 105 8.85 -5.59 -2.88
C LEU A 105 9.57 -5.56 -4.23
N LEU A 106 10.74 -4.94 -4.28
CA LEU A 106 11.48 -4.87 -5.54
C LEU A 106 12.03 -6.23 -5.95
N GLY A 107 12.13 -7.17 -5.01
CA GLY A 107 12.60 -8.50 -5.35
C GLY A 107 11.64 -9.30 -6.22
N TYR A 108 10.34 -8.98 -6.15
CA TYR A 108 9.36 -9.68 -6.98
C TYR A 108 9.55 -9.30 -8.45
N ASP A 109 9.18 -10.24 -9.33
CA ASP A 109 9.23 -10.00 -10.76
C ASP A 109 8.45 -8.73 -11.08
N SER A 110 8.94 -7.97 -12.07
CA SER A 110 8.35 -6.67 -12.35
C SER A 110 6.91 -6.77 -12.83
N ASP A 111 6.49 -7.92 -13.36
CA ASP A 111 5.13 -8.09 -13.84
CA ASP A 111 5.14 -8.14 -13.86
C ASP A 111 4.20 -8.69 -12.79
N SER A 112 4.70 -8.97 -11.59
CA SER A 112 3.90 -9.63 -10.55
C SER A 112 2.94 -8.64 -9.88
N ILE A 113 1.76 -9.16 -9.50
CA ILE A 113 0.81 -8.39 -8.69
C ILE A 113 1.45 -7.90 -7.40
N ALA A 114 2.45 -8.62 -6.89
CA ALA A 114 3.09 -8.21 -5.65
C ALA A 114 3.76 -6.85 -5.77
N ARG A 115 4.11 -6.41 -6.98
CA ARG A 115 4.69 -5.08 -7.14
C ARG A 115 3.71 -3.98 -6.74
N LEU A 116 2.41 -4.27 -6.73
CA LEU A 116 1.40 -3.29 -6.38
C LEU A 116 1.00 -3.36 -4.91
N MET A 117 1.54 -4.31 -4.15
CA MET A 117 0.99 -4.54 -2.82
C MET A 117 1.69 -3.71 -1.75
N THR A 118 1.02 -3.61 -0.61
CA THR A 118 1.52 -3.01 0.62
C THR A 118 1.36 -3.97 1.81
N PRO A 119 2.36 -4.06 2.68
CA PRO A 119 2.24 -4.92 3.87
C PRO A 119 1.49 -4.27 5.03
N TYR A 120 0.97 -3.05 4.86
CA TYR A 120 0.34 -2.34 5.96
C TYR A 120 -1.16 -2.64 5.97
N TYR A 121 -1.49 -3.81 6.50
CA TYR A 121 -2.85 -4.29 6.66
C TYR A 121 -3.07 -4.69 8.12
N ILE A 122 -4.32 -4.89 8.49
CA ILE A 122 -4.68 -5.27 9.85
C ILE A 122 -4.79 -6.79 9.93
N GLN A 123 -4.09 -7.35 10.92
CA GLN A 123 -4.01 -8.78 11.16
C GLN A 123 -4.79 -9.08 12.43
N ILE A 124 -5.68 -10.07 12.37
CA ILE A 124 -6.39 -10.56 13.55
C ILE A 124 -6.24 -12.07 13.67
N ARG A 125 -6.63 -12.59 14.83
CA ARG A 125 -6.41 -13.99 15.19
C ARG A 125 -7.73 -14.66 15.54
N LYS A 126 -7.82 -15.96 15.23
CA LYS A 126 -9.07 -16.68 15.38
C LYS A 126 -9.50 -16.77 16.84
N GLU A 127 -8.56 -16.73 17.78
CA GLU A 127 -8.84 -16.88 19.20
C GLU A 127 -9.23 -15.57 19.88
N TRP A 128 -9.19 -14.46 19.16
CA TRP A 128 -9.50 -13.14 19.72
C TRP A 128 -11.02 -12.93 19.81
N THR A 129 -11.43 -12.19 20.84
CA THR A 129 -12.80 -11.70 20.86
C THR A 129 -12.94 -10.55 19.87
N ILE A 130 -14.20 -10.20 19.56
CA ILE A 130 -14.46 -9.04 18.72
C ILE A 130 -13.92 -7.78 19.38
N LYS A 131 -14.09 -7.68 20.71
CA LYS A 131 -13.55 -6.55 21.47
C LYS A 131 -12.04 -6.42 21.27
N ARG A 132 -11.32 -7.55 21.32
CA ARG A 132 -9.87 -7.53 21.11
C ARG A 132 -9.53 -7.08 19.69
N CYS A 133 -10.34 -7.49 18.71
CA CYS A 133 -10.15 -7.00 17.34
C CYS A 133 -10.31 -5.50 17.28
N LEU A 134 -11.33 -4.96 17.96
CA LEU A 134 -11.55 -3.52 17.95
C LEU A 134 -10.38 -2.79 18.60
N GLN A 135 -9.81 -3.38 19.66
CA GLN A 135 -8.61 -2.81 20.27
C GLN A 135 -7.43 -2.82 19.31
N GLN A 136 -7.23 -3.91 18.57
CA GLN A 136 -6.17 -3.94 17.57
C GLN A 136 -6.40 -2.88 16.50
N ILE A 137 -7.65 -2.71 16.10
CA ILE A 137 -8.00 -1.75 15.06
C ILE A 137 -7.68 -0.32 15.52
N LYS A 138 -8.00 -0.01 16.78
CA LYS A 138 -7.55 1.27 17.34
C LYS A 138 -6.02 1.35 17.34
N LYS A 139 -5.34 0.27 17.70
CA LYS A 139 -3.88 0.32 17.79
C LYS A 139 -3.26 0.71 16.45
N VAL A 140 -3.62 0.03 15.37
CA VAL A 140 -2.93 0.18 14.09
C VAL A 140 -3.68 1.00 13.07
N GLY A 141 -4.90 1.47 13.40
CA GLY A 141 -5.79 2.01 12.37
C GLY A 141 -5.20 3.18 11.61
N SER A 142 -4.46 4.05 12.29
CA SER A 142 -3.95 5.26 11.64
C SER A 142 -2.78 4.98 10.71
N LYS A 143 -2.15 3.81 10.78
CA LYS A 143 -0.97 3.52 9.98
C LYS A 143 -1.23 2.59 8.82
N VAL A 144 -2.36 1.88 8.81
CA VAL A 144 -2.60 0.89 7.77
C VAL A 144 -3.14 1.54 6.50
N GLU A 145 -3.06 0.79 5.41
CA GLU A 145 -3.59 1.26 4.13
C GLU A 145 -5.10 1.43 4.18
N THR A 146 -5.80 0.46 4.76
CA THR A 146 -7.25 0.53 4.95
C THR A 146 -7.61 -0.21 6.22
N MET A 147 -8.60 0.32 6.93
CA MET A 147 -9.19 -0.35 8.08
C MET A 147 -10.36 -1.24 7.71
N ASN A 148 -10.76 -1.29 6.44
CA ASN A 148 -12.06 -1.87 6.10
C ASN A 148 -12.04 -3.39 5.93
N TYR A 149 -10.87 -4.01 5.90
CA TYR A 149 -10.72 -5.45 5.77
C TYR A 149 -9.76 -5.92 6.84
N LEU A 150 -10.11 -7.00 7.52
CA LEU A 150 -9.33 -7.56 8.61
CA LEU A 150 -9.31 -7.56 8.61
C LEU A 150 -8.93 -8.97 8.22
N TYR A 151 -7.63 -9.28 8.27
CA TYR A 151 -7.12 -10.54 7.76
C TYR A 151 -6.84 -11.52 8.91
N VAL A 152 -7.62 -12.58 8.96
CA VAL A 152 -7.47 -13.62 9.97
C VAL A 152 -6.33 -14.53 9.54
N VAL A 153 -5.32 -14.61 10.39
CA VAL A 153 -4.13 -15.40 10.09
CA VAL A 153 -4.08 -15.34 10.12
C VAL A 153 -3.84 -16.34 11.25
N ASP A 154 -3.34 -17.53 10.90
CA ASP A 154 -3.01 -18.49 11.95
C ASP A 154 -1.61 -18.20 12.52
N GLU A 155 -1.17 -19.08 13.43
CA GLU A 155 0.15 -18.92 14.03
C GLU A 155 1.27 -19.08 13.02
N ARG A 156 1.00 -19.67 11.86
CA ARG A 156 2.01 -19.89 10.83
C ARG A 156 2.03 -18.79 9.78
N ASN A 157 1.40 -17.64 10.06
CA ASN A 157 1.33 -16.48 9.16
C ASN A 157 0.43 -16.71 7.95
N ARG A 158 -0.32 -17.82 7.92
CA ARG A 158 -1.13 -18.20 6.77
CA ARG A 158 -1.13 -18.20 6.77
C ARG A 158 -2.51 -17.56 6.84
N LEU A 159 -2.99 -17.10 5.68
CA LEU A 159 -4.29 -16.46 5.62
C LEU A 159 -5.41 -17.49 5.74
N ILE A 160 -6.37 -17.22 6.61
CA ILE A 160 -7.51 -18.13 6.75
CA ILE A 160 -7.50 -18.13 6.81
C ILE A 160 -8.84 -17.45 6.53
N ASP A 161 -8.94 -16.13 6.69
CA ASP A 161 -10.19 -15.48 6.31
C ASP A 161 -9.97 -13.98 6.12
N ASP A 162 -10.94 -13.34 5.45
CA ASP A 162 -10.97 -11.90 5.18
C ASP A 162 -12.31 -11.39 5.71
N ILE A 163 -12.31 -10.63 6.81
CA ILE A 163 -13.53 -10.17 7.47
CA ILE A 163 -13.54 -10.17 7.45
C ILE A 163 -13.72 -8.68 7.20
N ALA A 164 -14.89 -8.31 6.72
CA ALA A 164 -15.20 -6.89 6.53
C ALA A 164 -15.36 -6.18 7.89
N LEU A 165 -14.85 -4.95 7.97
CA LEU A 165 -14.94 -4.17 9.22
C LEU A 165 -16.38 -4.07 9.73
N GLY A 166 -17.32 -3.79 8.82
CA GLY A 166 -18.71 -3.68 9.23
C GLY A 166 -19.29 -4.95 9.80
N SER A 167 -18.84 -6.10 9.29
CA SER A 167 -19.26 -7.39 9.83
C SER A 167 -18.82 -7.52 11.28
N LEU A 168 -17.61 -7.08 11.58
CA LEU A 168 -17.14 -7.07 12.96
C LEU A 168 -18.04 -6.21 13.83
N LEU A 169 -18.44 -5.04 13.32
CA LEU A 169 -19.33 -4.19 14.10
C LEU A 169 -20.70 -4.81 14.33
N LEU A 170 -21.21 -5.58 13.38
CA LEU A 170 -22.53 -6.18 13.56
C LEU A 170 -22.56 -7.33 14.58
N ALA A 171 -21.41 -7.87 14.96
CA ALA A 171 -21.36 -8.93 15.95
C ALA A 171 -21.24 -8.34 17.36
N GLU A 172 -21.52 -9.16 18.35
CA GLU A 172 -21.38 -8.74 19.74
C GLU A 172 -19.93 -8.91 20.20
N GLU A 173 -19.53 -8.07 21.15
CA GLU A 173 -18.12 -7.94 21.51
C GLU A 173 -17.55 -9.18 22.19
N ASP A 174 -18.39 -10.03 22.79
CA ASP A 174 -17.92 -11.24 23.45
C ASP A 174 -17.69 -12.40 22.49
N THR A 175 -18.18 -12.29 21.25
CA THR A 175 -18.03 -13.34 20.26
C THR A 175 -16.56 -13.47 19.87
N LEU A 176 -16.14 -14.71 19.64
CA LEU A 176 -14.79 -14.97 19.13
C LEU A 176 -14.76 -14.83 17.61
N VAL A 177 -13.59 -14.50 17.08
CA VAL A 177 -13.44 -14.40 15.63
C VAL A 177 -13.80 -15.73 14.96
N SER A 178 -13.47 -16.84 15.63
CA SER A 178 -13.75 -18.16 15.07
C SER A 178 -15.25 -18.40 14.88
N GLU A 179 -16.10 -17.61 15.53
CA GLU A 179 -17.54 -17.77 15.39
C GLU A 179 -18.15 -16.93 14.28
N ILE A 180 -17.36 -16.05 13.67
CA ILE A 180 -17.84 -15.24 12.54
C ILE A 180 -17.06 -15.50 11.27
N THR A 181 -16.03 -16.35 11.30
CA THR A 181 -15.30 -16.72 10.11
C THR A 181 -16.07 -17.76 9.31
N ASP A 182 -15.92 -17.72 7.99
CA ASP A 182 -16.46 -18.76 7.12
C ASP A 182 -15.38 -19.61 6.45
N ASN A 183 -14.09 -19.30 6.67
CA ASN A 183 -12.98 -20.02 6.08
C ASN A 183 -13.02 -20.03 4.55
N HIS A 184 -13.74 -19.10 3.96
CA HIS A 184 -13.74 -18.88 2.52
C HIS A 184 -13.28 -17.45 2.25
N PHE A 185 -12.42 -17.28 1.26
CA PHE A 185 -11.88 -15.96 0.96
C PHE A 185 -11.33 -15.96 -0.46
N VAL A 186 -11.12 -14.76 -1.00
CA VAL A 186 -10.46 -14.59 -2.28
C VAL A 186 -9.05 -14.07 -2.02
N ALA A 187 -8.04 -14.73 -2.61
CA ALA A 187 -6.67 -14.28 -2.50
C ALA A 187 -5.98 -14.47 -3.85
N ILE A 188 -4.95 -13.65 -4.09
CA ILE A 188 -4.18 -13.70 -5.32
C ILE A 188 -2.74 -14.07 -4.97
N THR A 189 -2.16 -15.03 -5.72
CA THR A 189 -0.77 -15.41 -5.43
C THR A 189 0.23 -14.44 -6.07
N THR A 190 1.44 -14.40 -5.50
CA THR A 190 2.53 -13.60 -6.08
C THR A 190 2.93 -14.06 -7.47
N THR A 191 2.57 -15.30 -7.85
CA THR A 191 2.83 -15.77 -9.21
C THR A 191 1.98 -15.02 -10.26
N THR A 192 0.85 -14.46 -9.84
CA THR A 192 -0.11 -13.89 -10.78
C THR A 192 0.37 -12.54 -11.30
N SER A 193 0.19 -12.32 -12.60
CA SER A 193 0.60 -11.06 -13.20
C SER A 193 -0.38 -9.94 -12.83
N LYS A 194 0.08 -8.71 -12.96
CA LYS A 194 -0.80 -7.57 -12.72
C LYS A 194 -2.05 -7.65 -13.61
N GLU A 195 -1.84 -7.94 -14.89
CA GLU A 195 -2.94 -8.05 -15.84
C GLU A 195 -3.97 -9.08 -15.40
N ASP A 196 -3.51 -10.26 -14.99
CA ASP A 196 -4.45 -11.30 -14.56
C ASP A 196 -5.13 -10.95 -13.24
N ALA A 197 -4.43 -10.24 -12.36
CA ALA A 197 -5.02 -9.86 -11.06
C ALA A 197 -6.20 -8.90 -11.24
N VAL A 198 -6.17 -8.08 -12.29
CA VAL A 198 -7.28 -7.17 -12.54
C VAL A 198 -8.61 -7.92 -12.56
N GLN A 199 -8.64 -9.10 -13.20
CA GLN A 199 -9.91 -9.79 -13.34
C GLN A 199 -10.43 -10.30 -12.00
N TYR A 200 -9.55 -10.59 -11.04
CA TYR A 200 -10.03 -10.90 -9.69
C TYR A 200 -10.77 -9.71 -9.11
N PHE A 201 -10.19 -8.53 -9.26
CA PHE A 201 -10.86 -7.34 -8.72
C PHE A 201 -12.21 -7.11 -9.41
N GLU A 202 -12.26 -7.28 -10.72
CA GLU A 202 -13.51 -7.06 -11.47
C GLU A 202 -14.58 -8.09 -11.04
N LYS A 203 -14.16 -9.33 -10.86
CA LYS A 203 -15.11 -10.40 -10.59
C LYS A 203 -15.68 -10.28 -9.19
N TYR A 204 -14.84 -9.99 -8.20
CA TYR A 204 -15.26 -10.11 -6.81
C TYR A 204 -15.69 -8.81 -6.15
N ASP A 205 -15.48 -7.66 -6.80
CA ASP A 205 -16.09 -6.39 -6.37
C ASP A 205 -15.69 -5.99 -4.95
N ARG A 206 -14.46 -6.29 -4.57
CA ARG A 206 -13.90 -5.95 -3.27
CA ARG A 206 -13.90 -5.95 -3.27
C ARG A 206 -12.91 -4.82 -3.47
N ALA A 207 -12.83 -3.91 -2.49
CA ALA A 207 -11.96 -2.75 -2.63
C ALA A 207 -10.51 -3.04 -2.26
N ALA A 208 -10.23 -4.21 -1.68
CA ALA A 208 -8.89 -4.67 -1.42
C ALA A 208 -8.91 -6.19 -1.56
N LEU A 209 -7.80 -6.76 -1.98
CA LEU A 209 -7.63 -8.21 -2.00
C LEU A 209 -6.26 -8.56 -1.44
N PRO A 210 -6.17 -9.68 -0.72
CA PRO A 210 -4.89 -10.09 -0.12
C PRO A 210 -4.04 -10.90 -1.08
N ILE A 211 -2.73 -10.73 -0.94
CA ILE A 211 -1.70 -11.37 -1.75
C ILE A 211 -0.97 -12.37 -0.86
N VAL A 212 -0.93 -13.61 -1.34
CA VAL A 212 -0.39 -14.74 -0.58
C VAL A 212 0.72 -15.40 -1.39
N THR A 213 1.59 -16.10 -0.67
CA THR A 213 2.61 -16.93 -1.29
C THR A 213 2.01 -18.26 -1.71
N GLU A 214 2.81 -19.06 -2.42
CA GLU A 214 2.36 -20.36 -2.89
C GLU A 214 1.97 -21.28 -1.73
N SER A 215 2.51 -21.05 -0.55
CA SER A 215 2.17 -21.82 0.65
CA SER A 215 2.15 -21.84 0.64
C SER A 215 1.07 -21.17 1.49
N GLY A 216 0.47 -20.09 1.01
CA GLY A 216 -0.65 -19.50 1.71
C GLY A 216 -0.32 -18.43 2.72
N VAL A 217 0.93 -17.98 2.78
CA VAL A 217 1.32 -16.97 3.76
C VAL A 217 0.93 -15.60 3.23
N LEU A 218 0.30 -14.80 4.07
CA LEU A 218 -0.13 -13.46 3.69
C LEU A 218 1.08 -12.54 3.65
N VAL A 219 1.28 -11.84 2.53
CA VAL A 219 2.41 -10.95 2.37
C VAL A 219 2.01 -9.51 2.04
N GLY A 220 0.78 -9.26 1.59
CA GLY A 220 0.40 -7.86 1.39
C GLY A 220 -1.02 -7.79 0.92
N ILE A 221 -1.49 -6.54 0.68
CA ILE A 221 -2.80 -6.32 0.07
C ILE A 221 -2.64 -5.37 -1.10
N VAL A 222 -3.54 -5.50 -2.08
CA VAL A 222 -3.63 -4.57 -3.19
C VAL A 222 -5.00 -3.92 -3.15
N THR A 223 -5.05 -2.61 -3.39
CA THR A 223 -6.29 -1.86 -3.30
C THR A 223 -6.76 -1.42 -4.68
N ILE A 224 -8.08 -1.21 -4.76
CA ILE A 224 -8.76 -1.02 -6.05
CA ILE A 224 -8.73 -1.04 -6.06
C ILE A 224 -8.33 0.27 -6.75
N ASP A 225 -7.97 1.32 -5.99
CA ASP A 225 -7.49 2.55 -6.63
C ASP A 225 -6.26 2.30 -7.49
N ASP A 226 -5.34 1.44 -6.99
CA ASP A 226 -4.15 1.12 -7.75
C ASP A 226 -4.47 0.23 -8.95
N ILE A 227 -5.51 -0.61 -8.82
CA ILE A 227 -5.96 -1.43 -9.93
C ILE A 227 -6.53 -0.57 -11.05
N LEU A 228 -7.27 0.48 -10.70
CA LEU A 228 -7.75 1.41 -11.72
CA LEU A 228 -7.75 1.42 -11.72
C LEU A 228 -6.57 2.01 -12.48
N ASP A 229 -5.51 2.40 -11.77
CA ASP A 229 -4.33 2.88 -12.49
C ASP A 229 -3.75 1.82 -13.41
N GLN A 230 -3.72 0.55 -12.96
CA GLN A 230 -3.21 -0.52 -13.80
C GLN A 230 -4.05 -0.67 -15.08
N ILE A 231 -5.38 -0.55 -14.96
CA ILE A 231 -6.25 -0.67 -16.13
C ILE A 231 -5.97 0.44 -17.12
N GLU A 232 -5.83 1.66 -16.61
CA GLU A 232 -5.54 2.77 -17.52
C GLU A 232 -4.17 2.65 -18.16
N GLN A 233 -3.18 2.15 -17.41
CA GLN A 233 -1.85 1.93 -17.98
C GLN A 233 -1.89 0.87 -19.08
N GLN A 234 -2.59 -0.23 -18.84
CA GLN A 234 -2.72 -1.27 -19.86
C GLN A 234 -3.40 -0.71 -21.10
N ASN A 235 -4.45 0.10 -20.91
CA ASN A 235 -5.25 0.54 -22.04
C ASN A 235 -4.54 1.63 -22.85
N THR A 236 -3.69 2.44 -22.21
CA THR A 236 -2.85 3.33 -23.00
C THR A 236 -1.69 2.58 -23.67
N GLU A 237 -1.15 1.58 -23.00
CA GLU A 237 -0.06 0.78 -23.55
C GLU A 237 -0.60 -0.36 -24.41
#